data_6ONV
#
_entry.id   6ONV
#
_cell.length_a   66.256
_cell.length_b   67.208
_cell.length_c   86.449
_cell.angle_alpha   90.00
_cell.angle_beta   90.00
_cell.angle_gamma   90.00
#
_symmetry.space_group_name_H-M   'P 21 21 21'
#
loop_
_entity.id
_entity.type
_entity.pdbx_description
1 polymer 'HIV-1 LM/HT Clade A/E CRF01 gp120'
2 non-polymer 2-acetamido-2-deoxy-beta-D-glucopyranose
3 non-polymer (3S)-N-(4-chloro-3-fluorophenyl)-1-(methylsulfonyl)piperidine-3-carboxamide
4 non-polymer '4-(2-HYDROXYETHYL)-1-PIPERAZINE ETHANESULFONIC ACID'
#
_entity_poly.entity_id   1
_entity_poly.type   'polypeptide(L)'
_entity_poly.pdbx_seq_one_letter_code
;VPVWKDADTTLFCASDAKAYETEVHNVWATHACVPTDPNPQEIHLENVTENFNMWKNNMVEQMHEDIISLWDQSLQPCVK
LTGGSVIKQACPKISFDPIPIHYCTPAGYVILKCNDKNFNGTGPCKNVSSVQCTHGIKPVVSTQLLLNGSLAEEEIIIRS
ENLTNNAKTIIVHLNKSVEINCTRPSNGGSGSGGDIRKAYCEINGTKWNKVLKQVTEKLKEHFNNKTIIFQPPSGGDLEI
TMHTFNCRGEFFYCNTTQLFNNTCIGNETMKGCNGTITLPCKIKQIINMWQGTGQAMYAPPIDGKINCVSNITGILLTRD
GGANNTSNETFRPGGGDMRDNWRSELYKYKVVQIE
;
_entity_poly.pdbx_strand_id   A
#
loop_
_chem_comp.id
_chem_comp.type
_chem_comp.name
_chem_comp.formula
EPE non-polymer '4-(2-HYDROXYETHYL)-1-PIPERAZINE ETHANESULFONIC ACID' 'C8 H18 N2 O4 S'
MWA non-polymer (3S)-N-(4-chloro-3-fluorophenyl)-1-(methylsulfonyl)piperidine-3-carboxamide 'C13 H16 Cl F N2 O3 S'
NAG D-saccharide, beta linking 2-acetamido-2-deoxy-beta-D-glucopyranose 'C8 H15 N O6'
#
# COMPACT_ATOMS: atom_id res chain seq x y z
N VAL A 3 -17.95 21.87 17.88
CA VAL A 3 -19.34 21.69 17.42
C VAL A 3 -19.48 20.34 16.74
N TRP A 4 -18.84 19.31 17.29
CA TRP A 4 -18.74 18.00 16.64
C TRP A 4 -18.28 16.95 17.66
N LYS A 5 -18.00 15.74 17.18
CA LYS A 5 -17.56 14.65 18.05
C LYS A 5 -17.03 13.51 17.19
N ASP A 6 -16.09 12.76 17.76
CA ASP A 6 -15.56 11.58 17.08
C ASP A 6 -16.61 10.49 17.10
N ALA A 7 -16.92 9.92 15.93
CA ALA A 7 -17.90 8.85 15.85
C ALA A 7 -17.73 8.09 14.54
N ASP A 8 -17.41 6.80 14.63
CA ASP A 8 -17.26 5.97 13.45
C ASP A 8 -18.61 5.42 13.00
N THR A 9 -18.91 5.55 11.71
CA THR A 9 -20.11 4.94 11.13
C THR A 9 -19.82 4.45 9.72
N THR A 10 -20.86 3.96 9.04
CA THR A 10 -20.75 3.41 7.70
C THR A 10 -20.50 4.54 6.70
N LEU A 11 -19.39 4.42 5.97
CA LEU A 11 -19.10 5.27 4.83
C LEU A 11 -19.67 4.65 3.56
N PHE A 12 -19.63 5.41 2.47
CA PHE A 12 -19.94 4.90 1.15
C PHE A 12 -18.87 5.42 0.20
N CYS A 13 -18.89 4.95 -1.05
CA CYS A 13 -17.77 5.18 -1.94
C CYS A 13 -18.22 5.80 -3.25
N ALA A 14 -17.27 6.37 -3.98
CA ALA A 14 -17.56 7.03 -5.25
C ALA A 14 -16.35 6.93 -6.16
N SER A 15 -16.60 7.03 -7.48
CA SER A 15 -15.55 6.88 -8.48
C SER A 15 -16.06 7.24 -9.87
N ASP A 16 -15.09 7.51 -10.77
CA ASP A 16 -15.32 7.65 -12.22
C ASP A 16 -15.34 6.33 -12.96
N ALA A 17 -15.75 5.24 -12.31
CA ALA A 17 -15.73 3.94 -12.96
C ALA A 17 -16.45 3.99 -14.29
N LYS A 18 -15.71 3.74 -15.38
CA LYS A 18 -16.32 3.69 -16.69
C LYS A 18 -17.30 2.54 -16.73
N ALA A 19 -18.56 2.84 -17.06
CA ALA A 19 -19.60 1.81 -17.05
C ALA A 19 -19.55 0.91 -18.28
N TYR A 20 -18.70 1.21 -19.25
CA TYR A 20 -18.51 0.36 -20.43
C TYR A 20 -17.30 -0.55 -20.30
N GLU A 21 -16.28 -0.15 -19.55
CA GLU A 21 -15.09 -0.97 -19.42
C GLU A 21 -15.41 -2.26 -18.67
N THR A 22 -14.77 -3.35 -19.10
CA THR A 22 -14.91 -4.62 -18.40
C THR A 22 -13.89 -4.79 -17.29
N GLU A 23 -12.96 -3.85 -17.14
CA GLU A 23 -11.99 -3.91 -16.05
C GLU A 23 -12.69 -4.10 -14.72
N VAL A 24 -12.14 -5.03 -13.93
CA VAL A 24 -12.86 -5.54 -12.77
C VAL A 24 -13.06 -4.46 -11.70
N HIS A 25 -12.08 -3.58 -11.54
CA HIS A 25 -12.28 -2.44 -10.63
C HIS A 25 -13.40 -1.54 -11.16
N ASN A 26 -13.41 -1.28 -12.46
CA ASN A 26 -14.48 -0.48 -13.03
C ASN A 26 -15.83 -1.15 -12.87
N VAL A 27 -15.91 -2.43 -13.26
CA VAL A 27 -17.16 -3.18 -13.18
C VAL A 27 -17.68 -3.24 -11.76
N TRP A 28 -16.80 -3.50 -10.79
CA TRP A 28 -17.24 -3.51 -9.40
C TRP A 28 -17.59 -2.12 -8.90
N ALA A 29 -16.88 -1.09 -9.36
CA ALA A 29 -17.24 0.25 -8.94
C ALA A 29 -18.45 0.80 -9.68
N THR A 30 -18.88 0.17 -10.78
CA THR A 30 -20.07 0.62 -11.48
C THR A 30 -21.35 0.29 -10.72
N HIS A 31 -21.27 -0.58 -9.70
CA HIS A 31 -22.46 -0.92 -8.95
C HIS A 31 -22.18 -1.21 -7.48
N ALA A 32 -21.08 -0.67 -6.93
CA ALA A 32 -20.88 -0.67 -5.49
C ALA A 32 -20.53 0.72 -4.99
N CYS A 33 -20.48 1.71 -5.87
CA CYS A 33 -20.06 3.06 -5.55
C CYS A 33 -20.95 4.01 -6.35
N VAL A 34 -21.11 5.24 -5.87
CA VAL A 34 -21.94 6.22 -6.57
C VAL A 34 -21.02 7.09 -7.41
N PRO A 35 -21.47 7.69 -8.55
CA PRO A 35 -20.60 8.57 -9.32
C PRO A 35 -19.91 9.63 -8.46
N THR A 36 -18.85 10.23 -9.00
CA THR A 36 -18.05 11.17 -8.23
C THR A 36 -18.83 12.43 -7.91
N ASP A 37 -18.43 13.07 -6.82
CA ASP A 37 -18.91 14.33 -6.29
C ASP A 37 -18.70 15.40 -7.36
N PRO A 38 -19.76 15.85 -8.04
CA PRO A 38 -19.56 16.76 -9.18
C PRO A 38 -18.80 18.03 -8.81
N ASN A 39 -19.24 18.72 -7.77
CA ASN A 39 -18.57 19.93 -7.29
C ASN A 39 -18.01 19.65 -5.90
N PRO A 40 -16.78 19.15 -5.80
CA PRO A 40 -16.20 18.89 -4.47
C PRO A 40 -15.90 20.21 -3.77
N GLN A 41 -16.30 20.30 -2.50
CA GLN A 41 -16.21 21.53 -1.73
C GLN A 41 -15.40 21.27 -0.47
N GLU A 42 -14.11 21.56 -0.52
CA GLU A 42 -13.23 21.49 0.64
C GLU A 42 -13.29 22.86 1.33
N ILE A 43 -13.83 22.89 2.55
CA ILE A 43 -13.92 24.13 3.32
C ILE A 43 -12.99 24.02 4.53
N HIS A 44 -12.32 25.11 4.84
CA HIS A 44 -11.32 25.11 5.90
C HIS A 44 -11.98 25.49 7.23
N LEU A 45 -11.37 25.02 8.31
CA LEU A 45 -11.89 25.25 9.66
C LEU A 45 -10.95 26.22 10.36
N GLU A 46 -11.38 27.47 10.51
CA GLU A 46 -10.50 28.54 10.97
C GLU A 46 -10.11 28.33 12.43
N ASN A 47 -8.80 28.30 12.69
CA ASN A 47 -8.26 28.41 14.03
C ASN A 47 -8.64 27.21 14.90
N VAL A 48 -8.79 26.03 14.28
CA VAL A 48 -9.20 24.82 14.95
C VAL A 48 -8.00 23.89 15.09
N THR A 49 -8.08 22.98 16.06
CA THR A 49 -7.05 21.95 16.26
C THR A 49 -7.73 20.69 16.78
N GLU A 50 -7.63 19.62 15.99
CA GLU A 50 -8.18 18.32 16.34
C GLU A 50 -7.05 17.29 16.22
N ASN A 51 -7.14 16.20 16.96
CA ASN A 51 -6.06 15.23 17.04
C ASN A 51 -6.39 14.00 16.20
N PHE A 52 -5.38 13.44 15.54
CA PHE A 52 -5.55 12.32 14.64
C PHE A 52 -4.77 11.12 15.14
N ASN A 53 -5.20 9.92 14.74
CA ASN A 53 -4.51 8.69 15.12
C ASN A 53 -4.79 7.70 13.99
N MET A 54 -3.90 7.71 12.99
CA MET A 54 -4.06 6.92 11.78
C MET A 54 -4.07 5.42 12.08
N TRP A 55 -3.70 5.06 13.30
CA TRP A 55 -3.65 3.67 13.72
C TRP A 55 -4.97 3.21 14.33
N LYS A 56 -5.62 4.08 15.08
CA LYS A 56 -6.95 3.81 15.61
C LYS A 56 -8.00 4.52 14.75
N ASN A 57 -7.94 4.26 13.45
CA ASN A 57 -8.85 4.83 12.46
C ASN A 57 -9.74 3.72 11.92
N ASN A 58 -11.05 3.94 11.98
CA ASN A 58 -12.00 2.97 11.45
C ASN A 58 -12.22 3.11 9.96
N MET A 59 -11.67 4.15 9.33
CA MET A 59 -11.84 4.33 7.89
C MET A 59 -11.14 3.22 7.11
N VAL A 60 -10.05 2.70 7.67
CA VAL A 60 -9.35 1.57 7.06
C VAL A 60 -10.20 0.32 7.13
N GLU A 61 -10.65 -0.02 8.34
CA GLU A 61 -11.42 -1.23 8.58
C GLU A 61 -12.56 -1.33 7.58
N GLN A 62 -13.03 -0.19 7.08
CA GLN A 62 -14.11 -0.21 6.10
C GLN A 62 -13.53 -0.43 4.71
N MET A 63 -12.43 0.24 4.40
CA MET A 63 -11.73 0.04 3.15
C MET A 63 -11.30 -1.40 2.98
N HIS A 64 -10.78 -1.99 4.06
CA HIS A 64 -10.38 -3.40 4.02
C HIS A 64 -11.52 -4.28 3.50
N GLU A 65 -12.70 -4.17 4.13
CA GLU A 65 -13.84 -5.00 3.73
C GLU A 65 -14.20 -4.82 2.26
N ASP A 66 -14.09 -3.59 1.75
CA ASP A 66 -14.42 -3.34 0.35
C ASP A 66 -13.42 -4.01 -0.57
N ILE A 67 -12.13 -3.88 -0.27
CA ILE A 67 -11.14 -4.46 -1.14
C ILE A 67 -11.23 -5.98 -1.09
N ILE A 68 -11.61 -6.52 0.07
CA ILE A 68 -11.83 -7.96 0.17
C ILE A 68 -13.00 -8.36 -0.74
N SER A 69 -14.09 -7.59 -0.69
CA SER A 69 -15.23 -7.85 -1.56
C SER A 69 -14.85 -7.72 -3.03
N LEU A 70 -14.08 -6.69 -3.39
CA LEU A 70 -13.69 -6.50 -4.78
C LEU A 70 -12.92 -7.70 -5.30
N TRP A 71 -11.93 -8.16 -4.53
CA TRP A 71 -11.13 -9.29 -4.95
C TRP A 71 -11.93 -10.59 -4.95
N ASP A 72 -12.82 -10.76 -3.97
CA ASP A 72 -13.61 -11.98 -3.93
C ASP A 72 -14.58 -12.05 -5.11
N GLN A 73 -15.16 -10.92 -5.50
CA GLN A 73 -16.06 -10.92 -6.64
C GLN A 73 -15.30 -11.08 -7.95
N SER A 74 -14.09 -10.54 -8.06
CA SER A 74 -13.45 -10.37 -9.36
C SER A 74 -12.55 -11.56 -9.74
N LEU A 75 -11.42 -11.70 -9.04
CA LEU A 75 -10.41 -12.68 -9.45
C LEU A 75 -10.95 -14.11 -9.42
N GLN A 76 -10.83 -14.80 -10.55
CA GLN A 76 -11.35 -16.16 -10.67
C GLN A 76 -10.22 -17.16 -10.54
N PRO A 77 -10.17 -17.92 -9.46
CA PRO A 77 -9.17 -18.99 -9.34
C PRO A 77 -9.67 -20.32 -9.87
N CYS A 78 -8.75 -21.09 -10.45
CA CYS A 78 -9.11 -22.39 -10.96
C CYS A 78 -9.51 -23.34 -9.83
N VAL A 79 -8.83 -23.26 -8.68
CA VAL A 79 -9.18 -24.10 -7.53
C VAL A 79 -9.04 -23.32 -6.21
N LYS A 80 -10.10 -22.63 -5.80
CA LYS A 80 -10.17 -22.07 -4.45
C LYS A 80 -10.13 -23.17 -3.40
N LEU A 81 -9.31 -22.97 -2.35
CA LEU A 81 -9.18 -23.93 -1.27
C LEU A 81 -9.29 -23.21 0.08
N THR A 82 -9.83 -23.93 1.06
CA THR A 82 -9.99 -23.44 2.43
C THR A 82 -9.66 -24.55 3.43
N GLY A 83 -10.58 -24.80 4.37
CA GLY A 83 -10.39 -25.83 5.37
C GLY A 83 -11.60 -26.71 5.59
N GLY A 84 -11.45 -28.02 5.37
CA GLY A 84 -12.61 -28.88 5.32
C GLY A 84 -13.47 -28.60 4.11
N SER A 85 -12.85 -28.16 3.01
CA SER A 85 -13.53 -27.78 1.79
C SER A 85 -12.49 -27.50 0.71
N VAL A 86 -12.90 -27.69 -0.55
CA VAL A 86 -12.06 -27.44 -1.73
C VAL A 86 -12.97 -27.16 -2.92
N ILE A 87 -12.82 -25.99 -3.54
CA ILE A 87 -13.68 -25.56 -4.64
C ILE A 87 -12.88 -25.58 -5.93
N LYS A 88 -13.52 -25.99 -7.03
CA LYS A 88 -12.86 -26.20 -8.33
C LYS A 88 -13.70 -25.59 -9.45
N GLN A 89 -13.70 -24.26 -9.54
CA GLN A 89 -14.45 -23.56 -10.57
C GLN A 89 -13.54 -23.23 -11.75
N ALA A 90 -13.98 -22.32 -12.63
CA ALA A 90 -13.23 -21.93 -13.81
C ALA A 90 -12.34 -20.74 -13.51
N CYS A 91 -11.53 -20.35 -14.51
CA CYS A 91 -10.57 -19.26 -14.33
C CYS A 91 -10.16 -18.66 -15.67
N PRO A 92 -11.05 -17.93 -16.36
CA PRO A 92 -10.66 -17.34 -17.65
C PRO A 92 -9.70 -16.16 -17.51
N LYS A 93 -9.53 -15.43 -18.62
CA LYS A 93 -8.55 -14.36 -18.73
C LYS A 93 -9.24 -13.02 -18.53
N ILE A 94 -8.79 -12.27 -17.53
CA ILE A 94 -9.49 -11.06 -17.10
C ILE A 94 -8.72 -9.81 -17.50
N SER A 95 -9.03 -8.68 -16.85
CA SER A 95 -8.30 -7.45 -17.08
C SER A 95 -8.32 -6.65 -15.78
N PHE A 96 -7.16 -6.52 -15.15
CA PHE A 96 -6.99 -5.95 -13.82
C PHE A 96 -6.21 -4.64 -13.95
N ASP A 97 -6.54 -3.65 -13.10
CA ASP A 97 -5.94 -2.32 -13.13
C ASP A 97 -6.66 -1.44 -12.12
N PRO A 98 -6.10 -1.22 -10.93
CA PRO A 98 -6.83 -0.46 -9.91
C PRO A 98 -7.21 0.96 -10.35
N ILE A 99 -8.35 1.42 -9.84
CA ILE A 99 -8.87 2.75 -10.13
C ILE A 99 -9.09 3.51 -8.82
N PRO A 100 -8.93 4.83 -8.82
CA PRO A 100 -9.18 5.61 -7.60
C PRO A 100 -10.65 5.56 -7.23
N ILE A 101 -10.92 5.18 -5.99
CA ILE A 101 -12.27 5.24 -5.43
C ILE A 101 -12.27 6.19 -4.24
N HIS A 102 -13.30 7.03 -4.17
CA HIS A 102 -13.39 8.05 -3.13
C HIS A 102 -14.35 7.55 -2.06
N TYR A 103 -13.97 7.76 -0.80
CA TYR A 103 -14.85 7.41 0.31
C TYR A 103 -15.61 8.63 0.81
N CYS A 104 -16.85 8.40 1.21
CA CYS A 104 -17.75 9.48 1.54
C CYS A 104 -18.51 9.19 2.82
N THR A 105 -19.00 10.25 3.40
CA THR A 105 -19.72 10.22 4.64
C THR A 105 -21.20 10.53 4.40
N PRO A 106 -22.10 9.90 5.15
CA PRO A 106 -23.53 10.17 4.99
C PRO A 106 -23.94 11.42 5.77
N ALA A 107 -25.23 11.75 5.65
CA ALA A 107 -25.77 12.93 6.30
C ALA A 107 -25.54 12.88 7.80
N GLY A 108 -25.28 14.05 8.39
CA GLY A 108 -25.00 14.15 9.80
C GLY A 108 -23.55 13.92 10.18
N TYR A 109 -22.73 13.45 9.25
CA TYR A 109 -21.32 13.23 9.51
C TYR A 109 -20.49 13.98 8.48
N VAL A 110 -19.17 14.04 8.73
CA VAL A 110 -18.27 14.75 7.84
C VAL A 110 -16.84 14.24 8.05
N ILE A 111 -16.03 14.30 6.99
CA ILE A 111 -14.64 13.88 7.03
C ILE A 111 -13.76 15.09 7.30
N LEU A 112 -12.91 15.00 8.31
CA LEU A 112 -11.93 16.03 8.63
C LEU A 112 -10.58 15.65 8.03
N LYS A 113 -9.94 16.61 7.38
CA LYS A 113 -8.67 16.37 6.68
C LYS A 113 -7.56 17.16 7.35
N CYS A 114 -6.37 16.55 7.42
CA CYS A 114 -5.22 17.13 8.08
C CYS A 114 -4.19 17.56 7.04
N ASN A 115 -3.95 18.87 6.93
CA ASN A 115 -3.11 19.44 5.90
C ASN A 115 -1.73 19.86 6.38
N ASP A 116 -1.42 19.67 7.66
CA ASP A 116 -0.04 19.81 8.10
C ASP A 116 0.89 18.93 7.28
N LYS A 117 1.79 19.56 6.52
CA LYS A 117 2.60 18.84 5.56
C LYS A 117 3.51 17.83 6.24
N ASN A 118 3.99 18.14 7.44
CA ASN A 118 4.92 17.27 8.16
C ASN A 118 4.22 16.43 9.22
N PHE A 119 2.96 16.08 8.99
CA PHE A 119 2.16 15.33 9.94
C PHE A 119 2.52 13.85 9.87
N ASN A 120 2.87 13.27 11.01
CA ASN A 120 3.38 11.91 11.03
C ASN A 120 2.30 10.85 11.17
N GLY A 121 1.04 11.25 11.27
CA GLY A 121 -0.07 10.33 11.42
C GLY A 121 -0.75 10.38 12.78
N THR A 122 -0.10 11.00 13.76
CA THR A 122 -0.56 10.92 15.14
C THR A 122 -0.26 12.24 15.84
N GLY A 123 -1.24 12.75 16.59
CA GLY A 123 -1.08 13.99 17.30
C GLY A 123 -1.94 15.11 16.74
N PRO A 124 -1.88 16.27 17.39
CA PRO A 124 -2.71 17.40 16.98
C PRO A 124 -2.36 17.90 15.59
N CYS A 125 -3.38 18.44 14.92
CA CYS A 125 -3.30 18.96 13.56
C CYS A 125 -3.78 20.40 13.56
N LYS A 126 -2.94 21.32 13.07
CA LYS A 126 -3.23 22.74 13.14
C LYS A 126 -3.96 23.26 11.91
N ASN A 127 -3.70 22.69 10.74
CA ASN A 127 -4.31 23.10 9.48
C ASN A 127 -5.34 22.05 9.06
N VAL A 128 -6.53 22.15 9.64
CA VAL A 128 -7.58 21.17 9.46
C VAL A 128 -8.62 21.75 8.50
N SER A 129 -9.00 20.94 7.51
CA SER A 129 -10.05 21.28 6.55
C SER A 129 -10.99 20.09 6.40
N SER A 130 -12.29 20.34 6.32
CA SER A 130 -13.28 19.29 6.17
C SER A 130 -13.55 18.99 4.70
N VAL A 131 -13.99 17.77 4.43
CA VAL A 131 -14.33 17.35 3.08
C VAL A 131 -15.55 16.44 3.14
N GLN A 132 -16.35 16.46 2.07
CA GLN A 132 -17.47 15.52 1.98
C GLN A 132 -16.99 14.12 1.63
N CYS A 133 -15.93 14.03 0.84
CA CYS A 133 -15.33 12.76 0.46
C CYS A 133 -13.82 12.90 0.48
N THR A 134 -13.11 11.77 0.45
CA THR A 134 -11.65 11.82 0.41
C THR A 134 -11.18 12.18 -1.00
N HIS A 135 -10.02 11.69 -1.41
CA HIS A 135 -9.57 11.85 -2.78
C HIS A 135 -9.44 10.46 -3.42
N GLY A 136 -9.08 10.45 -4.70
CA GLY A 136 -8.92 9.20 -5.42
C GLY A 136 -7.81 8.36 -4.82
N ILE A 137 -8.13 7.14 -4.41
CA ILE A 137 -7.19 6.29 -3.69
C ILE A 137 -7.15 4.95 -4.42
N LYS A 138 -6.03 4.67 -5.08
CA LYS A 138 -5.90 3.40 -5.77
C LYS A 138 -5.73 2.30 -4.74
N PRO A 139 -6.58 1.29 -4.73
CA PRO A 139 -6.41 0.18 -3.78
C PRO A 139 -5.36 -0.83 -4.24
N VAL A 140 -4.07 -0.51 -4.04
CA VAL A 140 -2.96 -1.28 -4.59
C VAL A 140 -2.45 -2.23 -3.51
N VAL A 141 -2.41 -3.53 -3.83
CA VAL A 141 -2.03 -4.57 -2.88
C VAL A 141 -0.61 -5.01 -3.19
N SER A 142 0.25 -5.03 -2.17
CA SER A 142 1.67 -5.27 -2.38
C SER A 142 2.34 -5.49 -1.04
N THR A 143 3.62 -5.88 -1.10
CA THR A 143 4.49 -6.11 0.04
C THR A 143 5.78 -5.33 -0.12
N GLN A 144 6.46 -5.12 1.01
CA GLN A 144 7.70 -4.33 1.11
C GLN A 144 7.60 -2.91 0.54
N LEU A 145 7.27 -2.77 -0.74
CA LEU A 145 7.14 -1.45 -1.34
C LEU A 145 5.65 -1.13 -1.54
N LEU A 146 5.28 0.14 -1.36
CA LEU A 146 3.94 0.63 -1.68
C LEU A 146 3.96 1.31 -3.05
N LEU A 147 3.06 0.88 -3.93
CA LEU A 147 3.10 1.26 -5.34
C LEU A 147 1.97 2.24 -5.67
N ASN A 148 2.19 3.02 -6.72
CA ASN A 148 1.18 3.93 -7.26
C ASN A 148 0.49 4.75 -6.17
N GLY A 149 1.28 5.22 -5.21
CA GLY A 149 0.76 5.88 -4.04
C GLY A 149 0.86 7.39 -4.12
N SER A 150 0.63 8.04 -2.99
CA SER A 150 0.72 9.49 -2.85
C SER A 150 1.99 9.84 -2.09
N LEU A 151 2.77 10.76 -2.65
CA LEU A 151 4.02 11.14 -2.03
C LEU A 151 3.78 12.22 -0.96
N ALA A 152 4.82 12.49 -0.18
CA ALA A 152 4.76 13.54 0.82
C ALA A 152 4.97 14.91 0.17
N GLU A 153 4.87 15.98 0.97
CA GLU A 153 5.02 17.33 0.46
C GLU A 153 6.19 18.08 1.08
N GLU A 154 7.05 17.36 1.81
CA GLU A 154 8.25 17.95 2.38
C GLU A 154 9.35 16.91 2.46
N GLU A 155 9.74 16.48 3.66
CA GLU A 155 10.77 15.46 3.77
C GLU A 155 10.11 14.11 4.06
N ILE A 156 10.94 13.08 4.07
CA ILE A 156 10.45 11.73 4.35
C ILE A 156 9.81 11.70 5.74
N ILE A 157 8.81 10.83 5.90
CA ILE A 157 8.06 10.72 7.15
C ILE A 157 8.14 9.28 7.64
N ILE A 158 8.26 9.11 8.96
CA ILE A 158 8.34 7.79 9.58
C ILE A 158 7.07 7.59 10.38
N ARG A 159 6.19 6.71 9.90
CA ARG A 159 4.92 6.45 10.57
C ARG A 159 5.00 5.11 11.30
N SER A 160 4.77 5.13 12.60
CA SER A 160 4.65 3.91 13.39
C SER A 160 3.74 4.16 14.59
N GLU A 161 2.96 3.13 14.96
CA GLU A 161 2.13 3.25 16.16
C GLU A 161 2.99 3.38 17.41
N ASN A 162 4.16 2.72 17.43
CA ASN A 162 5.07 2.82 18.55
C ASN A 162 6.45 2.35 18.08
N LEU A 163 7.37 3.29 17.87
CA LEU A 163 8.73 2.95 17.45
C LEU A 163 9.46 2.09 18.48
N THR A 164 9.03 2.15 19.74
CA THR A 164 9.69 1.37 20.78
C THR A 164 9.40 -0.11 20.63
N ASN A 165 8.17 -0.46 20.21
CA ASN A 165 7.79 -1.84 19.99
C ASN A 165 8.29 -2.31 18.63
N ASN A 166 9.05 -3.41 18.59
CA ASN A 166 9.48 -3.97 17.32
C ASN A 166 8.36 -4.71 16.60
N ALA A 167 7.29 -5.09 17.31
CA ALA A 167 6.18 -5.76 16.65
C ALA A 167 5.50 -4.84 15.66
N LYS A 168 5.41 -3.55 15.98
CA LYS A 168 4.73 -2.59 15.12
C LYS A 168 5.52 -2.36 13.84
N THR A 169 4.79 -2.25 12.73
CA THR A 169 5.44 -2.02 11.44
C THR A 169 5.76 -0.54 11.29
N ILE A 170 6.68 -0.24 10.37
CA ILE A 170 7.12 1.11 10.07
C ILE A 170 6.78 1.43 8.62
N ILE A 171 6.07 2.54 8.40
CA ILE A 171 5.69 3.01 7.08
C ILE A 171 6.52 4.24 6.75
N VAL A 172 7.41 4.10 5.77
CA VAL A 172 8.28 5.21 5.37
C VAL A 172 7.60 5.91 4.20
N HIS A 173 7.16 7.15 4.40
CA HIS A 173 6.47 7.91 3.35
C HIS A 173 7.51 8.71 2.57
N LEU A 174 7.72 8.36 1.31
CA LEU A 174 8.72 9.05 0.52
C LEU A 174 8.17 10.36 -0.03
N ASN A 175 9.09 11.27 -0.32
CA ASN A 175 8.77 12.53 -0.96
C ASN A 175 9.20 12.56 -2.42
N LYS A 176 9.84 11.50 -2.89
CA LYS A 176 10.30 11.38 -4.28
C LYS A 176 9.99 9.98 -4.76
N SER A 177 9.02 9.86 -5.67
CA SER A 177 8.67 8.56 -6.19
C SER A 177 9.80 8.00 -7.04
N VAL A 178 10.05 6.70 -6.89
CA VAL A 178 11.07 6.00 -7.65
C VAL A 178 10.37 4.98 -8.53
N GLU A 179 10.65 5.01 -9.83
CA GLU A 179 9.90 4.17 -10.75
C GLU A 179 10.41 2.73 -10.71
N ILE A 180 9.47 1.79 -10.82
CA ILE A 180 9.77 0.37 -10.95
C ILE A 180 9.16 -0.11 -12.27
N ASN A 181 9.90 -0.92 -13.01
CA ASN A 181 9.49 -1.31 -14.36
C ASN A 181 9.69 -2.81 -14.51
N CYS A 182 8.59 -3.56 -14.50
CA CYS A 182 8.61 -5.00 -14.43
C CYS A 182 8.03 -5.56 -15.72
N THR A 183 8.72 -6.53 -16.31
CA THR A 183 8.39 -7.03 -17.64
C THR A 183 8.56 -8.53 -17.70
N ARG A 184 7.70 -9.18 -18.49
CA ARG A 184 7.82 -10.58 -18.86
C ARG A 184 7.76 -10.59 -20.38
N PRO A 185 8.90 -10.68 -21.05
CA PRO A 185 8.92 -10.53 -22.50
C PRO A 185 8.34 -11.74 -23.21
N SER A 186 8.16 -11.58 -24.52
CA SER A 186 7.59 -12.61 -25.38
C SER A 186 8.47 -13.85 -25.42
N ASP A 195 11.08 -20.20 -20.39
CA ASP A 195 10.36 -20.03 -19.13
C ASP A 195 9.38 -18.86 -19.21
N ILE A 196 8.09 -19.17 -19.31
CA ILE A 196 7.11 -18.10 -19.42
C ILE A 196 6.88 -17.41 -18.10
N ARG A 197 7.27 -18.02 -16.98
CA ARG A 197 7.06 -17.43 -15.65
C ARG A 197 8.28 -16.69 -15.15
N LYS A 198 9.18 -16.27 -16.05
CA LYS A 198 10.37 -15.54 -15.64
C LYS A 198 10.22 -14.08 -16.07
N ALA A 199 10.47 -13.17 -15.12
CA ALA A 199 10.30 -11.74 -15.33
C ALA A 199 11.34 -10.99 -14.51
N TYR A 200 11.53 -9.70 -14.83
CA TYR A 200 12.51 -8.88 -14.15
C TYR A 200 11.94 -7.47 -13.94
N CYS A 201 12.40 -6.80 -12.89
CA CYS A 201 12.04 -5.42 -12.62
C CYS A 201 13.28 -4.56 -12.69
N GLU A 202 13.21 -3.46 -13.43
CA GLU A 202 14.31 -2.52 -13.58
C GLU A 202 14.07 -1.30 -12.71
N ILE A 203 15.08 -0.90 -11.94
CA ILE A 203 14.99 0.23 -11.03
C ILE A 203 16.24 1.07 -11.18
N ASN A 204 16.09 2.38 -11.07
CA ASN A 204 17.22 3.29 -11.23
C ASN A 204 18.06 3.21 -9.96
N GLY A 205 19.22 2.55 -10.05
CA GLY A 205 20.06 2.42 -8.88
C GLY A 205 20.40 3.77 -8.27
N THR A 206 20.71 4.76 -9.11
CA THR A 206 21.07 6.08 -8.62
C THR A 206 19.95 6.66 -7.77
N LYS A 207 18.76 6.84 -8.37
CA LYS A 207 17.63 7.39 -7.62
C LYS A 207 17.40 6.61 -6.34
N TRP A 208 17.37 5.28 -6.44
CA TRP A 208 17.06 4.46 -5.28
C TRP A 208 18.06 4.66 -4.16
N ASN A 209 19.36 4.47 -4.46
CA ASN A 209 20.38 4.57 -3.43
C ASN A 209 20.36 5.92 -2.75
N LYS A 210 20.09 6.99 -3.52
CA LYS A 210 19.98 8.31 -2.90
C LYS A 210 18.82 8.35 -1.91
N VAL A 211 17.62 7.98 -2.37
CA VAL A 211 16.45 7.91 -1.49
C VAL A 211 16.75 7.03 -0.28
N LEU A 212 17.37 5.88 -0.52
CA LEU A 212 17.68 4.99 0.60
C LEU A 212 18.62 5.68 1.57
N LYS A 213 19.59 6.44 1.04
CA LYS A 213 20.48 7.24 1.88
C LYS A 213 19.71 8.30 2.65
N GLN A 214 18.69 8.90 2.03
CA GLN A 214 17.84 9.84 2.75
C GLN A 214 17.10 9.12 3.86
N VAL A 215 16.50 7.97 3.55
CA VAL A 215 15.77 7.20 4.55
C VAL A 215 16.69 6.80 5.69
N THR A 216 17.97 6.56 5.38
CA THR A 216 18.90 6.15 6.44
C THR A 216 19.03 7.23 7.51
N GLU A 217 19.24 8.48 7.08
CA GLU A 217 19.46 9.57 8.02
C GLU A 217 18.16 9.93 8.74
N LYS A 218 17.03 9.73 8.07
CA LYS A 218 15.73 10.01 8.68
C LYS A 218 15.46 9.07 9.86
N LEU A 219 15.85 7.81 9.71
CA LEU A 219 15.72 6.84 10.80
C LEU A 219 16.76 7.06 11.88
N LYS A 220 17.95 7.55 11.52
CA LYS A 220 18.94 7.95 12.53
C LYS A 220 18.35 8.98 13.48
N GLU A 221 17.65 9.97 12.94
CA GLU A 221 17.02 11.01 13.74
C GLU A 221 16.09 10.41 14.79
N HIS A 222 15.25 9.46 14.38
CA HIS A 222 14.30 8.84 15.29
C HIS A 222 14.94 7.78 16.20
N PHE A 223 16.20 7.43 15.96
CA PHE A 223 16.82 6.30 16.64
C PHE A 223 18.16 6.67 17.27
N ASN A 224 18.28 7.90 17.78
CA ASN A 224 19.44 8.29 18.60
C ASN A 224 20.77 8.09 17.89
N ASN A 225 20.80 8.37 16.59
CA ASN A 225 22.01 8.35 15.78
C ASN A 225 22.63 6.97 15.68
N LYS A 226 21.92 5.92 16.08
CA LYS A 226 22.44 4.58 15.91
C LYS A 226 22.65 4.30 14.43
N THR A 227 23.59 3.42 14.13
CA THR A 227 23.82 3.00 12.76
C THR A 227 22.67 2.09 12.34
N ILE A 228 22.27 2.16 11.07
CA ILE A 228 21.17 1.30 10.60
C ILE A 228 21.68 0.42 9.47
N ILE A 229 21.10 -0.76 9.36
CA ILE A 229 21.40 -1.72 8.32
C ILE A 229 20.08 -2.21 7.74
N PHE A 230 20.04 -2.40 6.43
CA PHE A 230 18.87 -2.88 5.71
C PHE A 230 19.18 -4.29 5.23
N GLN A 231 18.87 -5.25 6.08
CA GLN A 231 19.02 -6.66 5.76
C GLN A 231 17.72 -7.20 5.18
N PRO A 232 17.77 -8.32 4.46
CA PRO A 232 16.56 -8.87 3.84
C PRO A 232 15.63 -9.47 4.88
N PRO A 233 14.46 -9.96 4.49
CA PRO A 233 13.52 -10.50 5.48
C PRO A 233 14.07 -11.71 6.23
N SER A 234 13.59 -11.87 7.47
CA SER A 234 14.04 -12.91 8.40
C SER A 234 12.94 -13.96 8.55
N GLY A 235 12.92 -14.91 7.62
CA GLY A 235 11.93 -15.97 7.64
C GLY A 235 10.60 -15.51 7.08
N GLY A 236 9.65 -16.44 7.05
CA GLY A 236 8.29 -16.17 6.59
C GLY A 236 7.99 -16.87 5.28
N ASP A 237 6.77 -16.63 4.81
CA ASP A 237 6.34 -17.19 3.53
C ASP A 237 6.98 -16.45 2.37
N LEU A 238 6.92 -17.06 1.19
CA LEU A 238 7.45 -16.45 -0.02
C LEU A 238 6.75 -15.13 -0.30
N GLU A 239 5.49 -15.01 0.11
CA GLU A 239 4.72 -13.79 -0.10
C GLU A 239 5.36 -12.62 0.64
N ILE A 240 5.89 -12.86 1.84
CA ILE A 240 6.41 -11.81 2.70
C ILE A 240 7.89 -11.51 2.43
N THR A 241 8.67 -12.49 1.98
CA THR A 241 10.07 -12.26 1.68
C THR A 241 10.31 -11.85 0.22
N MET A 242 9.25 -11.58 -0.53
CA MET A 242 9.37 -11.18 -1.93
C MET A 242 8.46 -9.99 -2.17
N HIS A 243 8.93 -9.01 -2.93
CA HIS A 243 8.05 -7.90 -3.28
C HIS A 243 6.89 -8.46 -4.11
N THR A 244 5.84 -8.92 -3.43
CA THR A 244 4.66 -9.46 -4.08
C THR A 244 3.70 -8.36 -4.48
N PHE A 245 3.24 -8.42 -5.73
CA PHE A 245 2.23 -7.49 -6.21
C PHE A 245 1.50 -8.13 -7.37
N ASN A 246 0.64 -7.36 -8.03
CA ASN A 246 -0.15 -7.86 -9.14
C ASN A 246 0.06 -6.94 -10.35
N CYS A 247 0.33 -7.54 -11.50
CA CYS A 247 0.52 -6.82 -12.75
C CYS A 247 -0.40 -7.40 -13.80
N ARG A 248 -1.45 -6.65 -14.17
CA ARG A 248 -2.35 -7.04 -15.24
C ARG A 248 -2.95 -8.42 -14.99
N GLY A 249 -3.17 -8.76 -13.72
CA GLY A 249 -3.78 -10.02 -13.37
C GLY A 249 -2.83 -11.06 -12.82
N GLU A 250 -1.58 -11.00 -13.27
CA GLU A 250 -0.58 -12.01 -12.95
C GLU A 250 0.22 -11.59 -11.71
N PHE A 251 0.24 -12.45 -10.69
CA PHE A 251 0.92 -12.15 -9.44
C PHE A 251 2.43 -12.26 -9.66
N PHE A 252 3.16 -11.21 -9.32
CA PHE A 252 4.61 -11.17 -9.49
C PHE A 252 5.29 -11.32 -8.14
N TYR A 253 6.43 -12.01 -8.14
CA TYR A 253 7.25 -12.22 -6.95
C TYR A 253 8.65 -11.75 -7.27
N CYS A 254 9.10 -10.69 -6.60
CA CYS A 254 10.35 -10.03 -6.92
C CYS A 254 11.30 -10.02 -5.73
N ASN A 255 12.49 -10.57 -5.96
CA ASN A 255 13.56 -10.64 -4.99
C ASN A 255 14.23 -9.28 -4.87
N THR A 256 13.97 -8.58 -3.76
CA THR A 256 14.50 -7.25 -3.54
C THR A 256 15.81 -7.26 -2.77
N THR A 257 16.66 -8.29 -2.96
CA THR A 257 17.91 -8.33 -2.20
C THR A 257 18.85 -7.21 -2.63
N GLN A 258 18.90 -6.91 -3.94
CA GLN A 258 19.73 -5.81 -4.41
C GLN A 258 19.40 -4.50 -3.72
N LEU A 259 18.10 -4.22 -3.55
CA LEU A 259 17.69 -2.94 -2.99
C LEU A 259 18.06 -2.82 -1.51
N PHE A 260 17.97 -3.91 -0.76
CA PHE A 260 18.26 -3.86 0.67
C PHE A 260 19.62 -4.48 0.90
N ASN A 261 20.65 -3.65 0.69
CA ASN A 261 22.03 -3.95 1.01
C ASN A 261 22.67 -2.64 1.47
N ASN A 262 23.75 -2.75 2.24
CA ASN A 262 24.42 -1.57 2.77
C ASN A 262 25.68 -1.23 1.98
N THR A 263 25.97 -1.98 0.91
CA THR A 263 27.14 -1.69 0.09
C THR A 263 26.98 -0.37 -0.64
N CYS A 264 25.95 -0.26 -1.49
CA CYS A 264 25.75 0.90 -2.33
C CYS A 264 25.58 2.17 -1.50
N GLY A 272 31.01 1.44 -8.38
CA GLY A 272 30.36 1.21 -9.65
C GLY A 272 29.01 0.56 -9.55
N CYS A 273 28.21 0.97 -8.56
CA CYS A 273 26.88 0.41 -8.32
C CYS A 273 25.84 1.54 -8.40
N ASN A 274 25.68 2.09 -9.60
CA ASN A 274 24.66 3.13 -9.78
C ASN A 274 24.06 3.09 -11.19
N GLY A 275 24.16 1.97 -11.89
CA GLY A 275 23.55 1.84 -13.21
C GLY A 275 22.08 1.50 -13.14
N THR A 276 21.71 0.31 -13.61
CA THR A 276 20.33 -0.17 -13.61
C THR A 276 20.26 -1.41 -12.74
N ILE A 277 19.57 -1.32 -11.61
CA ILE A 277 19.39 -2.48 -10.75
C ILE A 277 18.28 -3.34 -11.34
N THR A 278 18.58 -4.61 -11.63
CA THR A 278 17.62 -5.54 -12.19
C THR A 278 17.25 -6.56 -11.11
N LEU A 279 15.96 -6.72 -10.88
CA LEU A 279 15.65 -7.65 -9.83
C LEU A 279 15.00 -8.88 -10.44
N PRO A 280 15.40 -10.10 -10.08
CA PRO A 280 14.76 -11.29 -10.67
C PRO A 280 13.36 -11.52 -10.12
N CYS A 281 12.43 -11.87 -11.01
CA CYS A 281 11.04 -12.09 -10.62
C CYS A 281 10.48 -13.33 -11.30
N LYS A 282 9.40 -13.85 -10.73
CA LYS A 282 8.65 -14.95 -11.31
C LYS A 282 7.16 -14.66 -11.16
N ILE A 283 6.39 -15.11 -12.14
CA ILE A 283 4.95 -15.05 -12.06
C ILE A 283 4.47 -16.36 -11.45
N LYS A 284 3.79 -16.29 -10.33
CA LYS A 284 3.34 -17.47 -9.61
C LYS A 284 1.85 -17.68 -9.85
N GLN A 285 1.46 -18.92 -10.16
CA GLN A 285 0.05 -19.25 -10.30
C GLN A 285 -0.57 -19.61 -8.95
N ILE A 286 0.25 -20.06 -8.00
CA ILE A 286 -0.21 -20.55 -6.71
C ILE A 286 0.27 -19.59 -5.63
N ILE A 287 -0.66 -18.93 -4.95
CA ILE A 287 -0.34 -17.86 -4.01
C ILE A 287 -0.98 -18.12 -2.66
N ASN A 288 -0.49 -17.39 -1.65
CA ASN A 288 -1.07 -17.38 -0.31
C ASN A 288 -1.90 -16.10 -0.18
N MET A 289 -3.22 -16.24 -0.24
CA MET A 289 -4.11 -15.09 -0.23
C MET A 289 -3.86 -14.19 0.97
N TRP A 290 -3.84 -12.88 0.73
CA TRP A 290 -3.63 -11.88 1.77
C TRP A 290 -4.87 -11.68 2.64
N GLN A 291 -6.02 -12.22 2.23
CA GLN A 291 -7.18 -12.28 3.09
C GLN A 291 -6.99 -13.28 4.22
N GLY A 292 -5.90 -14.04 4.20
CA GLY A 292 -5.66 -15.12 5.12
C GLY A 292 -6.31 -16.43 4.75
N THR A 293 -7.39 -16.39 3.96
CA THR A 293 -8.26 -17.54 3.66
C THR A 293 -7.47 -18.83 3.53
N GLY A 294 -6.50 -18.84 2.63
CA GLY A 294 -5.65 -19.99 2.45
C GLY A 294 -4.76 -19.84 1.23
N GLN A 295 -4.81 -20.81 0.33
CA GLN A 295 -4.04 -20.80 -0.89
C GLN A 295 -4.99 -20.86 -2.07
N ALA A 296 -4.55 -20.34 -3.22
CA ALA A 296 -5.37 -20.33 -4.42
C ALA A 296 -4.47 -20.50 -5.63
N MET A 297 -5.04 -21.07 -6.69
CA MET A 297 -4.32 -21.33 -7.92
C MET A 297 -5.01 -20.63 -9.07
N TYR A 298 -4.22 -20.05 -9.96
CA TYR A 298 -4.74 -19.33 -11.12
C TYR A 298 -4.11 -19.89 -12.39
N ALA A 299 -4.70 -19.54 -13.53
CA ALA A 299 -4.32 -20.06 -14.83
C ALA A 299 -2.92 -19.56 -15.21
N PRO A 300 -2.31 -20.11 -16.26
CA PRO A 300 -1.08 -19.53 -16.82
C PRO A 300 -1.25 -18.06 -17.15
N PRO A 301 -0.20 -17.38 -17.62
CA PRO A 301 -0.32 -15.96 -17.92
C PRO A 301 -0.85 -15.71 -19.33
N ILE A 302 -1.14 -14.43 -19.59
CA ILE A 302 -1.65 -14.03 -20.88
C ILE A 302 -0.62 -14.33 -21.97
N ASP A 303 -1.10 -14.79 -23.13
CA ASP A 303 -0.23 -15.19 -24.23
C ASP A 303 0.43 -13.98 -24.88
N GLY A 304 1.45 -13.41 -24.22
CA GLY A 304 2.12 -12.26 -24.81
C GLY A 304 3.17 -11.66 -23.91
N LYS A 305 3.25 -10.35 -23.92
CA LYS A 305 4.25 -9.59 -23.18
C LYS A 305 3.55 -8.80 -22.08
N ILE A 306 3.83 -9.14 -20.84
CA ILE A 306 3.28 -8.48 -19.65
C ILE A 306 4.23 -7.37 -19.23
N ASN A 307 3.69 -6.26 -18.72
CA ASN A 307 4.53 -5.12 -18.36
C ASN A 307 3.73 -4.18 -17.47
N CYS A 308 4.33 -3.75 -16.38
CA CYS A 308 3.76 -2.73 -15.52
C CYS A 308 4.85 -1.77 -15.09
N VAL A 309 4.61 -0.48 -15.25
CA VAL A 309 5.48 0.56 -14.70
C VAL A 309 4.72 1.22 -13.56
N SER A 310 5.37 1.30 -12.41
CA SER A 310 4.73 1.78 -11.19
C SER A 310 5.67 2.71 -10.45
N ASN A 311 5.11 3.52 -9.57
CA ASN A 311 5.87 4.43 -8.72
C ASN A 311 6.07 3.80 -7.35
N ILE A 312 7.33 3.68 -6.92
CA ILE A 312 7.60 3.31 -5.54
C ILE A 312 7.34 4.55 -4.67
N THR A 313 6.26 4.51 -3.91
CA THR A 313 5.90 5.64 -3.04
C THR A 313 6.35 5.42 -1.60
N GLY A 314 5.94 4.31 -0.97
CA GLY A 314 6.26 4.05 0.41
C GLY A 314 7.16 2.83 0.55
N ILE A 315 7.58 2.59 1.78
CA ILE A 315 8.41 1.44 2.04
C ILE A 315 7.90 0.90 3.37
N LEU A 316 7.80 -0.43 3.49
CA LEU A 316 7.29 -1.03 4.70
C LEU A 316 8.38 -1.84 5.38
N LEU A 317 8.79 -1.41 6.58
CA LEU A 317 9.89 -2.05 7.28
C LEU A 317 9.51 -2.48 8.69
N THR A 318 10.27 -3.46 9.18
CA THR A 318 10.20 -3.94 10.55
C THR A 318 11.62 -3.96 11.11
N ARG A 319 11.72 -4.03 12.43
CA ARG A 319 12.99 -3.95 13.13
C ARG A 319 13.10 -5.08 14.15
N ASP A 320 14.28 -5.67 14.26
CA ASP A 320 14.49 -6.77 15.20
C ASP A 320 14.80 -6.25 16.60
N GLY A 321 14.37 -7.01 17.61
CA GLY A 321 14.56 -6.62 18.99
C GLY A 321 15.86 -7.15 19.57
N GLY A 322 16.07 -6.84 20.86
CA GLY A 322 17.25 -7.27 21.57
C GLY A 322 18.45 -6.35 21.47
N ALA A 323 18.39 -5.32 20.63
CA ALA A 323 19.53 -4.44 20.38
C ALA A 323 19.50 -3.21 21.29
N ASN A 324 19.29 -3.43 22.58
CA ASN A 324 19.35 -2.36 23.57
C ASN A 324 20.75 -2.21 24.16
N ASN A 325 21.67 -3.11 23.81
CA ASN A 325 23.07 -3.00 24.16
C ASN A 325 24.00 -2.97 22.96
N THR A 326 23.48 -3.17 21.75
CA THR A 326 24.28 -3.06 20.55
C THR A 326 24.34 -1.60 20.10
N SER A 327 25.15 -1.34 19.06
CA SER A 327 25.38 0.02 18.59
C SER A 327 24.43 0.42 17.48
N ASN A 328 24.08 -0.52 16.60
CA ASN A 328 23.38 -0.24 15.36
C ASN A 328 21.99 -0.85 15.38
N GLU A 329 21.22 -0.59 14.32
CA GLU A 329 19.84 -1.03 14.24
C GLU A 329 19.62 -1.63 12.85
N THR A 330 18.81 -2.68 12.77
CA THR A 330 18.65 -3.44 11.54
C THR A 330 17.17 -3.52 11.14
N PHE A 331 16.87 -3.17 9.90
CA PHE A 331 15.51 -3.12 9.40
C PHE A 331 15.38 -4.05 8.20
N ARG A 332 14.23 -4.72 8.10
CA ARG A 332 13.98 -5.63 7.00
C ARG A 332 12.66 -5.25 6.36
N PRO A 333 12.55 -5.33 5.04
CA PRO A 333 11.27 -5.02 4.39
C PRO A 333 10.20 -6.04 4.76
N GLY A 334 8.97 -5.54 4.92
CA GLY A 334 7.88 -6.38 5.40
C GLY A 334 6.54 -6.19 4.73
N GLY A 335 5.47 -6.30 5.51
CA GLY A 335 4.12 -6.25 4.97
C GLY A 335 3.26 -7.39 5.50
N GLY A 336 2.34 -7.89 4.67
CA GLY A 336 1.43 -8.93 5.08
C GLY A 336 0.03 -8.41 5.37
N ASP A 337 -0.07 -7.50 6.34
CA ASP A 337 -1.35 -6.88 6.68
C ASP A 337 -1.60 -5.73 5.71
N MET A 338 -2.58 -5.90 4.83
CA MET A 338 -2.84 -4.89 3.82
C MET A 338 -3.56 -3.68 4.38
N ARG A 339 -3.95 -3.71 5.67
CA ARG A 339 -4.51 -2.54 6.31
C ARG A 339 -3.50 -1.39 6.33
N ASP A 340 -2.22 -1.72 6.43
CA ASP A 340 -1.18 -0.69 6.38
C ASP A 340 -1.12 -0.07 4.99
N ASN A 341 -1.34 -0.87 3.94
CA ASN A 341 -1.40 -0.31 2.58
C ASN A 341 -2.49 0.75 2.49
N TRP A 342 -3.66 0.47 3.06
CA TRP A 342 -4.76 1.43 3.03
C TRP A 342 -4.47 2.57 3.98
N ARG A 343 -3.93 2.25 5.16
CA ARG A 343 -3.69 3.26 6.17
C ARG A 343 -2.64 4.26 5.71
N SER A 344 -1.80 3.87 4.74
CA SER A 344 -0.87 4.77 4.09
C SER A 344 -1.55 5.89 3.31
N GLU A 345 -2.86 5.77 3.05
CA GLU A 345 -3.65 6.77 2.33
C GLU A 345 -4.70 7.46 3.19
N LEU A 346 -5.28 6.77 4.17
CA LEU A 346 -6.29 7.32 5.07
C LEU A 346 -5.70 7.92 6.35
N TYR A 347 -4.40 8.18 6.37
CA TYR A 347 -3.79 8.70 7.60
C TYR A 347 -4.30 10.10 7.93
N LYS A 348 -4.51 10.94 6.92
CA LYS A 348 -4.88 12.33 7.11
C LYS A 348 -6.38 12.53 7.30
N TYR A 349 -7.17 11.47 7.24
CA TYR A 349 -8.62 11.62 7.31
C TYR A 349 -9.14 11.07 8.63
N LYS A 350 -10.25 11.64 9.10
CA LYS A 350 -10.96 11.15 10.26
C LYS A 350 -12.43 11.53 10.15
N VAL A 351 -13.30 10.64 10.61
CA VAL A 351 -14.75 10.81 10.50
C VAL A 351 -15.28 11.38 11.81
N VAL A 352 -16.06 12.46 11.72
CA VAL A 352 -16.66 13.10 12.88
C VAL A 352 -18.13 13.36 12.59
N GLN A 353 -18.97 13.25 13.62
CA GLN A 353 -20.39 13.55 13.48
C GLN A 353 -20.69 14.92 14.06
N ILE A 354 -21.60 15.64 13.40
CA ILE A 354 -21.99 16.96 13.84
C ILE A 354 -23.30 16.87 14.60
C1 NAG B . 4.43 11.74 15.93
C2 NAG B . 5.54 10.97 16.66
C3 NAG B . 5.21 10.84 18.14
C4 NAG B . 4.91 12.20 18.74
C5 NAG B . 3.84 12.91 17.93
C6 NAG B . 3.57 14.33 18.40
C7 NAG B . 6.73 9.42 15.17
C8 NAG B . 6.81 8.02 14.65
N2 NAG B . 5.76 9.66 16.06
O3 NAG B . 6.30 10.24 18.81
O4 NAG B . 4.47 12.06 20.09
O5 NAG B . 4.24 13.01 16.55
O6 NAG B . 2.43 14.88 17.76
O7 NAG B . 7.52 10.29 14.81
C1 NAG C . -3.15 24.75 4.93
C2 NAG C . -2.11 25.80 4.49
C3 NAG C . -1.37 25.38 3.21
C4 NAG C . -2.30 24.88 2.11
C5 NAG C . -3.53 24.19 2.68
C6 NAG C . -3.96 22.99 1.88
C7 NAG C . -2.82 27.98 5.36
C8 NAG C . -3.45 29.30 5.03
N2 NAG C . -2.71 27.12 4.34
O3 NAG C . -0.40 24.38 3.52
O4 NAG C . -2.70 25.95 1.27
O5 NAG C . -3.22 23.72 3.99
O6 NAG C . -2.97 21.97 1.89
O7 NAG C . -2.41 27.72 6.48
C1 NAG D . 0.37 1.68 -11.53
C2 NAG D . 0.02 0.26 -11.95
C3 NAG D . 0.43 0.01 -13.41
C4 NAG D . -0.12 1.09 -14.32
C5 NAG D . 0.26 2.47 -13.78
C6 NAG D . -0.37 3.60 -14.56
C7 NAG D . -0.01 -1.47 -10.21
C8 NAG D . 0.82 -2.41 -9.40
N2 NAG D . 0.67 -0.71 -11.08
O3 NAG D . -0.04 -1.26 -13.83
O4 NAG D . 0.44 0.96 -15.62
O5 NAG D . -0.22 2.60 -12.43
O6 NAG D . -1.70 3.85 -14.15
O7 NAG D . -1.23 -1.40 -10.08
C1 NAG E . 5.95 0.96 23.10
C2 NAG E . 5.10 1.28 24.37
C3 NAG E . 5.66 0.64 25.66
C4 NAG E . 6.20 -0.77 25.44
C5 NAG E . 7.15 -0.75 24.27
C6 NAG E . 7.83 -2.07 24.00
C7 NAG E . 3.95 3.46 24.24
C8 NAG E . 4.07 4.94 24.51
N2 NAG E . 5.02 2.72 24.54
O3 NAG E . 4.63 0.61 26.64
O4 NAG E . 6.88 -1.23 26.60
O5 NAG E . 6.38 -0.41 23.12
O6 NAG E . 6.92 -3.04 23.50
O7 NAG E . 2.93 2.96 23.78
C1 NAG F . 12.96 14.57 0.81
C2 NAG F . 13.44 15.89 0.16
C3 NAG F . 14.90 16.16 0.51
C4 NAG F . 15.12 16.08 2.02
C5 NAG F . 14.68 14.71 2.50
C6 NAG F . 14.85 14.51 3.99
C7 NAG F . 12.21 16.37 -1.91
C8 NAG F . 12.19 16.22 -3.40
N2 NAG F . 13.26 15.84 -1.28
O3 NAG F . 15.23 17.47 0.05
O4 NAG F . 16.49 16.29 2.33
O5 NAG F . 13.28 14.56 2.22
O6 NAG F . 13.97 13.52 4.50
O7 NAG F . 11.31 16.94 -1.30
C1 NAG G . 10.45 -0.86 -19.18
C2 NAG G . 10.69 0.31 -20.17
C3 NAG G . 10.60 -0.18 -21.62
C4 NAG G . 11.46 -1.42 -21.84
C5 NAG G . 11.11 -2.48 -20.83
C6 NAG G . 11.95 -3.73 -20.94
C7 NAG G . 9.97 2.44 -19.19
C8 NAG G . 8.86 3.44 -19.08
N2 NAG G . 9.73 1.36 -19.94
O3 NAG G . 11.04 0.86 -22.47
O4 NAG G . 11.24 -1.94 -23.15
O5 NAG G . 11.32 -1.95 -19.51
O6 NAG G . 12.82 -3.90 -19.83
O7 NAG G . 11.05 2.60 -18.62
C1 NAG H . 18.50 7.56 -13.07
C2 NAG H . 18.46 7.32 -14.59
C3 NAG H . 18.99 8.52 -15.41
C4 NAG H . 18.65 9.87 -14.79
C5 NAG H . 18.88 9.83 -13.29
C6 NAG H . 18.50 11.10 -12.57
C7 NAG H . 18.69 4.89 -14.91
C8 NAG H . 19.64 3.78 -15.25
N2 NAG H . 19.21 6.12 -14.93
O3 NAG H . 18.40 8.44 -16.70
O4 NAG H . 19.48 10.88 -15.36
O5 NAG H . 18.04 8.81 -12.77
O6 NAG H . 18.69 10.98 -11.17
O7 NAG H . 17.52 4.67 -14.64
C1 NAG I . 17.12 -13.59 -3.48
C2 NAG I . 16.82 -14.86 -2.71
C3 NAG I . 17.96 -15.20 -1.75
C4 NAG I . 19.31 -15.17 -2.47
C5 NAG I . 19.47 -13.86 -3.22
C6 NAG I . 20.74 -13.78 -4.03
C7 NAG I . 14.70 -15.74 -1.83
C8 NAG I . 13.44 -15.41 -1.07
N2 NAG I . 15.57 -14.73 -1.99
O3 NAG I . 17.73 -16.48 -1.18
O4 NAG I . 20.37 -15.32 -1.53
O5 NAG I . 18.38 -13.70 -4.13
O6 NAG I . 20.64 -12.77 -5.02
O7 NAG I . 14.91 -16.85 -2.28
C1 NAG J . 22.66 13.05 16.47
C2 NAG J . 22.09 13.83 17.66
C3 NAG J . 22.15 15.34 17.42
C4 NAG J . 23.52 15.77 16.90
C5 NAG J . 23.93 14.89 15.73
C6 NAG J . 25.31 15.18 15.20
C7 NAG J . 20.35 12.35 18.62
C8 NAG J . 18.87 12.11 18.75
N2 NAG J . 20.70 13.43 17.91
O3 NAG J . 21.87 16.01 18.65
O4 NAG J . 23.49 17.12 16.48
O5 NAG J . 23.94 13.53 16.17
O6 NAG J . 25.70 14.21 14.23
O7 NAG J . 21.18 11.61 19.14
C1 NAG K . 4.39 8.68 -10.82
C2 NAG K . 2.93 8.93 -11.20
C3 NAG K . 2.81 10.16 -12.10
C4 NAG K . 3.43 11.37 -11.42
C5 NAG K . 4.88 11.07 -11.05
C6 NAG K . 5.52 12.18 -10.26
C7 NAG K . 1.49 6.95 -11.25
C8 NAG K . 1.00 5.79 -12.05
N2 NAG K . 2.36 7.76 -11.85
O3 NAG K . 1.42 10.40 -12.35
O4 NAG K . 3.38 12.49 -12.28
O5 NAG K . 4.95 9.89 -10.24
O6 NAG K . 6.52 11.69 -9.36
O7 NAG K . 1.11 7.14 -10.10
C11 MWA L . -0.48 -11.84 -0.93
C13 MWA L . 0.23 -9.97 -2.18
C15 MWA L . -0.40 -10.54 -3.32
C17 MWA L . -1.06 -11.76 -3.27
C18 MWA L . -1.08 -12.39 -2.05
C20 MWA L . 0.55 -15.26 3.75
C21 MWA L . -0.58 -14.90 4.74
C02 MWA L . -2.51 -14.61 6.40
C06 MWA L . -0.52 -12.58 4.17
C07 MWA L . -0.33 -13.26 2.81
C08 MWA L . 0.00 -12.22 1.63
C12 MWA L . 0.18 -10.62 -0.98
C19 MWA L . 0.76 -14.18 2.82
F14 MWA L . 0.89 -8.77 -2.23
N05 MWA L . -0.43 -13.57 5.14
N10 MWA L . -0.55 -12.60 0.33
O03 MWA L . -1.76 -11.81 6.23
O04 MWA L . 0.00 -13.63 7.40
O09 MWA L . 0.66 -11.25 1.85
S01 MWA L . -1.16 -13.35 6.26
CL1 MWA L . -0.35 -9.62 -4.91
N1 EPE M . -20.56 -0.93 0.05
C2 EPE M . -20.28 0.43 -0.42
C3 EPE M . -18.93 0.88 0.17
N4 EPE M . -18.65 0.49 1.57
C5 EPE M . -19.08 -0.81 2.04
C6 EPE M . -20.48 -1.06 1.51
C7 EPE M . -18.23 1.53 2.53
C8 EPE M . -16.90 1.31 3.26
O8 EPE M . -17.05 0.43 4.34
C9 EPE M . -21.93 -1.27 -0.36
C10 EPE M . -21.92 -1.52 -1.87
S EPE M . -23.40 -2.42 -2.33
O1S EPE M . -24.12 -1.61 -3.31
O2S EPE M . -22.99 -3.70 -2.90
O3S EPE M . -24.23 -2.61 -1.14
#